data_5LPY
#
_entry.id   5LPY
#
_cell.length_a   115.823
_cell.length_b   115.823
_cell.length_c   49.898
_cell.angle_alpha   90.00
_cell.angle_beta   90.00
_cell.angle_gamma   120.00
#
_symmetry.space_group_name_H-M   'P 62'
#
loop_
_entity.id
_entity.type
_entity.pdbx_description
1 polymer 'Protein BRASSINOSTEROID INSENSITIVE 1'
2 non-polymer "ADENOSINE-5'-TRIPHOSPHATE"
3 water water
#
_entity_poly.entity_id   1
_entity_poly.type   'polypeptide(L)'
_entity_poly.pdbx_seq_one_letter_code
;EKPLRKLAFADLLQATNGFHNDSLIGSGGFGDVYKAILKDGSAVAIKKLIHVSGQGDREFMAEMETIGKIKHRNLVPLLG
YCKVGDERLLVYEFMKYGSLEDVLHDPKKAGVKLNWSTRRKIAIGSARGLAFLHHNCSPHIIHRDMKSSNVLLDENLEAR
VSDFGMARLMSAMD(TPO)HL(SEP)V(SEP)TLAGTPGYVPPEYYQ(SEP)FRCSTKGDVYSYGVVLLELLTGKRPTDS
PDFGDNNLVGWVKQHAKLRISDVFDPELMKEDPALEIELLQHLKVAVACLDDRAWRRPTMVQVMAMFKEIQA
;
_entity_poly.pdbx_strand_id   A
#
# COMPACT_ATOMS: atom_id res chain seq x y z
N PRO A 3 6.64 11.99 19.08
CA PRO A 3 6.24 13.06 18.16
C PRO A 3 7.10 13.09 16.90
N LEU A 4 6.54 13.60 15.81
CA LEU A 4 7.29 13.75 14.57
C LEU A 4 8.52 14.62 14.80
N ARG A 5 9.67 14.17 14.29
CA ARG A 5 10.95 14.82 14.57
C ARG A 5 11.41 15.63 13.36
N LYS A 6 11.85 16.87 13.60
CA LYS A 6 12.51 17.66 12.57
C LYS A 6 13.98 17.26 12.57
N LEU A 7 14.40 16.55 11.53
CA LEU A 7 15.75 16.00 11.46
C LEU A 7 16.65 16.91 10.65
N ALA A 8 17.82 17.22 11.20
CA ALA A 8 18.78 18.06 10.51
C ALA A 8 19.26 17.39 9.23
N PHE A 9 19.47 18.20 8.20
CA PHE A 9 19.88 17.65 6.91
C PHE A 9 21.23 16.94 6.97
N ALA A 10 22.15 17.43 7.82
CA ALA A 10 23.46 16.81 7.90
C ALA A 10 23.37 15.38 8.48
N ASP A 11 22.55 15.18 9.51
CA ASP A 11 22.33 13.84 10.05
C ASP A 11 21.96 12.85 8.95
N LEU A 12 20.99 13.23 8.09
CA LEU A 12 20.60 12.34 7.01
C LEU A 12 21.70 12.20 5.96
N LEU A 13 22.45 13.27 5.73
CA LEU A 13 23.60 13.17 4.83
C LEU A 13 24.59 12.11 5.31
N GLN A 14 24.89 12.08 6.61
CA GLN A 14 25.90 11.15 7.09
C GLN A 14 25.34 9.75 7.36
N ALA A 15 24.08 9.64 7.80
CA ALA A 15 23.51 8.30 7.99
C ALA A 15 23.46 7.52 6.68
N THR A 16 23.30 8.19 5.53
CA THR A 16 23.32 7.54 4.22
C THR A 16 24.69 7.58 3.54
N ASN A 17 25.75 7.94 4.27
CA ASN A 17 27.11 8.04 3.71
C ASN A 17 27.13 8.98 2.49
N GLY A 18 26.68 10.21 2.72
CA GLY A 18 26.59 11.19 1.65
C GLY A 18 25.68 10.78 0.52
N PHE A 19 24.59 10.09 0.83
CA PHE A 19 23.68 9.52 -0.17
C PHE A 19 24.45 8.64 -1.15
N HIS A 20 25.34 7.81 -0.59
CA HIS A 20 26.07 6.85 -1.41
C HIS A 20 25.11 5.83 -2.02
N ASN A 21 25.51 5.31 -3.18
CA ASN A 21 24.70 4.31 -3.89
C ASN A 21 24.52 3.04 -3.06
N ASP A 22 25.51 2.70 -2.23
CA ASP A 22 25.45 1.47 -1.45
C ASP A 22 24.26 1.43 -0.49
N SER A 23 23.70 2.59 -0.14
CA SER A 23 22.56 2.67 0.76
C SER A 23 21.26 2.92 0.03
N LEU A 24 21.29 2.96 -1.30
CA LEU A 24 20.10 3.19 -2.11
C LEU A 24 19.29 1.91 -2.23
N ILE A 25 17.98 2.00 -1.99
CA ILE A 25 17.13 0.81 -2.11
C ILE A 25 15.92 1.08 -2.98
N GLY A 26 15.96 2.15 -3.78
CA GLY A 26 14.88 2.45 -4.70
C GLY A 26 14.96 3.86 -5.27
N SER A 27 14.62 4.02 -6.55
CA SER A 27 14.68 5.34 -7.17
C SER A 27 13.77 5.36 -8.39
N GLY A 28 13.45 6.58 -8.83
CA GLY A 28 12.62 6.79 -10.01
C GLY A 28 11.30 7.47 -9.70
N GLY A 29 10.83 8.33 -10.61
CA GLY A 29 9.61 9.08 -10.36
C GLY A 29 9.66 10.01 -9.16
N PHE A 30 9.40 9.47 -7.97
CA PHE A 30 9.29 10.29 -6.77
C PHE A 30 10.64 10.83 -6.33
N GLY A 31 11.69 10.06 -6.49
CA GLY A 31 13.00 10.39 -5.95
C GLY A 31 13.75 9.11 -5.59
N ASP A 32 14.37 9.13 -4.40
CA ASP A 32 15.22 8.03 -3.95
C ASP A 32 14.80 7.59 -2.55
N VAL A 33 14.99 6.29 -2.26
CA VAL A 33 14.80 5.76 -0.93
C VAL A 33 16.09 5.08 -0.47
N TYR A 34 16.54 5.41 0.74
CA TYR A 34 17.76 4.86 1.32
C TYR A 34 17.45 4.21 2.67
N LYS A 35 18.08 3.07 2.94
CA LYS A 35 18.10 2.50 4.28
C LYS A 35 19.27 3.10 5.06
N ALA A 36 19.05 3.34 6.36
CA ALA A 36 20.08 3.94 7.20
C ALA A 36 19.83 3.61 8.66
N ILE A 37 20.86 3.86 9.46
CA ILE A 37 20.77 3.79 10.91
C ILE A 37 21.08 5.20 11.45
N LEU A 38 20.11 5.77 12.15
CA LEU A 38 20.29 7.12 12.68
C LEU A 38 21.28 7.11 13.84
N LYS A 39 21.79 8.30 14.18
CA LYS A 39 22.86 8.40 15.17
C LYS A 39 22.42 7.90 16.55
N ASP A 40 21.12 7.73 16.77
CA ASP A 40 20.58 7.16 18.00
C ASP A 40 20.36 5.65 17.94
N GLY A 41 20.65 5.02 16.80
CA GLY A 41 20.45 3.60 16.64
C GLY A 41 19.22 3.18 15.86
N SER A 42 18.36 4.13 15.48
CA SER A 42 17.11 3.80 14.82
C SER A 42 17.36 3.31 13.39
N ALA A 43 16.80 2.15 13.06
CA ALA A 43 16.79 1.68 11.70
C ALA A 43 15.64 2.34 10.95
N VAL A 44 15.96 3.04 9.86
CA VAL A 44 15.00 3.87 9.16
C VAL A 44 15.14 3.71 7.66
N ALA A 45 14.09 4.11 6.95
CA ALA A 45 14.14 4.34 5.52
C ALA A 45 14.00 5.83 5.30
N ILE A 46 14.90 6.40 4.50
CA ILE A 46 14.95 7.83 4.23
C ILE A 46 14.63 8.04 2.76
N LYS A 47 13.53 8.75 2.48
CA LYS A 47 13.12 9.05 1.11
C LYS A 47 13.56 10.45 0.74
N LYS A 48 14.33 10.58 -0.35
CA LYS A 48 14.76 11.87 -0.88
C LYS A 48 13.85 12.23 -2.06
N LEU A 49 13.05 13.27 -1.89
CA LEU A 49 12.12 13.68 -2.95
C LEU A 49 12.81 14.59 -3.95
N ILE A 50 12.55 14.34 -5.23
CA ILE A 50 13.05 15.17 -6.32
C ILE A 50 11.91 16.05 -6.83
N HIS A 51 12.22 16.91 -7.80
CA HIS A 51 11.24 17.81 -8.41
C HIS A 51 10.61 18.73 -7.37
N VAL A 52 11.45 19.30 -6.50
CA VAL A 52 10.95 20.18 -5.46
C VAL A 52 10.30 21.42 -6.08
N SER A 53 9.48 22.10 -5.28
CA SER A 53 8.74 23.28 -5.73
C SER A 53 7.89 22.96 -6.96
N GLY A 54 7.06 21.93 -6.83
CA GLY A 54 6.23 21.45 -7.91
C GLY A 54 5.61 20.11 -7.56
N GLN A 55 5.93 19.08 -8.33
CA GLN A 55 5.40 17.75 -8.02
C GLN A 55 6.01 17.20 -6.74
N GLY A 56 7.26 17.55 -6.44
CA GLY A 56 7.93 17.05 -5.26
C GLY A 56 7.49 17.68 -3.96
N ASP A 57 7.23 18.99 -3.98
CA ASP A 57 6.82 19.67 -2.76
C ASP A 57 5.37 19.35 -2.39
N ARG A 58 4.51 19.14 -3.40
CA ARG A 58 3.12 18.77 -3.13
C ARG A 58 3.04 17.40 -2.47
N GLU A 59 3.83 16.43 -2.96
CA GLU A 59 3.89 15.12 -2.35
C GLU A 59 4.39 15.20 -0.91
N PHE A 60 5.39 16.05 -0.67
CA PHE A 60 5.91 16.23 0.68
C PHE A 60 4.80 16.66 1.64
N MET A 61 4.07 17.71 1.29
CA MET A 61 2.98 18.18 2.15
C MET A 61 1.85 17.17 2.25
N ALA A 62 1.64 16.35 1.20
CA ALA A 62 0.56 15.36 1.26
C ALA A 62 0.80 14.37 2.39
N GLU A 63 2.05 13.91 2.54
CA GLU A 63 2.38 12.99 3.60
C GLU A 63 2.40 13.69 4.95
N MET A 64 2.91 14.92 5.00
CA MET A 64 2.94 15.66 6.26
C MET A 64 1.53 15.88 6.80
N GLU A 65 0.57 16.21 5.93
CA GLU A 65 -0.80 16.46 6.34
C GLU A 65 -1.62 15.18 6.55
N THR A 66 -1.09 14.00 6.20
CA THR A 66 -1.87 12.77 6.38
C THR A 66 -1.16 11.78 7.29
N ILE A 67 -0.25 10.98 6.73
CA ILE A 67 0.46 9.99 7.54
C ILE A 67 1.29 10.66 8.63
N GLY A 68 1.77 11.87 8.39
CA GLY A 68 2.53 12.58 9.42
C GLY A 68 1.71 13.02 10.62
N LYS A 69 0.37 12.98 10.52
CA LYS A 69 -0.52 13.41 11.58
C LYS A 69 -1.21 12.26 12.30
N ILE A 70 -0.99 11.01 11.89
CA ILE A 70 -1.72 9.88 12.45
C ILE A 70 -0.75 8.73 12.71
N LYS A 71 -1.13 7.86 13.64
CA LYS A 71 -0.39 6.64 13.92
C LYS A 71 -1.36 5.47 13.99
N HIS A 72 -0.96 4.34 13.41
CA HIS A 72 -1.81 3.15 13.37
C HIS A 72 -0.95 1.93 13.09
N ARG A 73 -1.31 0.82 13.74
CA ARG A 73 -0.53 -0.42 13.64
C ARG A 73 -0.43 -0.94 12.20
N ASN A 74 -1.31 -0.52 11.29
CA ASN A 74 -1.23 -0.97 9.91
C ASN A 74 -0.89 0.15 8.93
N LEU A 75 -0.26 1.22 9.41
CA LEU A 75 0.25 2.28 8.56
C LEU A 75 1.72 2.48 8.84
N VAL A 76 2.51 2.69 7.78
CA VAL A 76 3.95 2.93 7.99
C VAL A 76 4.12 4.15 8.89
N PRO A 77 4.88 4.05 9.97
CA PRO A 77 5.10 5.21 10.84
C PRO A 77 6.05 6.18 10.15
N LEU A 78 5.62 7.43 10.02
CA LEU A 78 6.50 8.50 9.57
C LEU A 78 7.21 9.04 10.81
N LEU A 79 8.52 8.79 10.91
CA LEU A 79 9.25 9.20 12.10
C LEU A 79 9.74 10.65 12.04
N GLY A 80 10.07 11.16 10.87
CA GLY A 80 10.61 12.50 10.79
C GLY A 80 10.64 13.03 9.37
N TYR A 81 11.09 14.28 9.25
CA TYR A 81 11.10 14.99 7.99
C TYR A 81 12.30 15.94 7.96
N CYS A 82 12.65 16.40 6.75
CA CYS A 82 13.70 17.40 6.59
C CYS A 82 13.36 18.24 5.36
N LYS A 83 13.05 19.52 5.59
CA LYS A 83 12.74 20.47 4.53
C LYS A 83 13.73 21.62 4.63
N VAL A 84 14.85 21.50 3.91
CA VAL A 84 15.89 22.53 3.87
C VAL A 84 16.00 22.99 2.43
N GLY A 85 15.55 24.22 2.16
CA GLY A 85 15.61 24.81 0.83
C GLY A 85 15.06 23.95 -0.28
N ASP A 86 15.95 23.40 -1.10
CA ASP A 86 15.59 22.59 -2.25
C ASP A 86 15.37 21.12 -1.89
N GLU A 87 15.77 20.69 -0.70
CA GLU A 87 15.76 19.27 -0.35
C GLU A 87 14.51 18.93 0.46
N ARG A 88 13.90 17.79 0.10
CA ARG A 88 12.67 17.31 0.74
C ARG A 88 12.86 15.85 1.08
N LEU A 89 12.92 15.54 2.38
CA LEU A 89 13.17 14.18 2.84
C LEU A 89 12.18 13.80 3.93
N LEU A 90 11.84 12.52 3.96
CA LEU A 90 10.88 11.93 4.89
C LEU A 90 11.48 10.65 5.44
N VAL A 91 11.31 10.42 6.74
CA VAL A 91 12.03 9.34 7.43
C VAL A 91 11.01 8.42 8.09
N TYR A 92 11.08 7.14 7.75
CA TYR A 92 10.14 6.12 8.16
C TYR A 92 10.87 5.05 8.93
N GLU A 93 10.14 4.37 9.81
CA GLU A 93 10.68 3.17 10.43
C GLU A 93 10.95 2.14 9.34
N PHE A 94 12.07 1.42 9.48
CA PHE A 94 12.46 0.44 8.48
C PHE A 94 11.64 -0.83 8.62
N MET A 95 11.01 -1.24 7.53
CA MET A 95 10.23 -2.47 7.50
C MET A 95 11.10 -3.61 6.96
N LYS A 96 11.28 -4.65 7.79
CA LYS A 96 12.30 -5.66 7.53
C LYS A 96 12.17 -6.30 6.15
N TYR A 97 10.98 -6.84 5.84
CA TYR A 97 10.82 -7.66 4.64
C TYR A 97 10.36 -6.85 3.42
N GLY A 98 10.51 -5.52 3.46
CA GLY A 98 10.27 -4.72 2.28
C GLY A 98 8.81 -4.73 1.83
N SER A 99 8.62 -4.52 0.53
CA SER A 99 7.28 -4.40 -0.02
C SER A 99 6.69 -5.78 -0.32
N LEU A 100 5.36 -5.84 -0.30
CA LEU A 100 4.67 -7.06 -0.68
C LEU A 100 4.95 -7.44 -2.12
N GLU A 101 5.12 -6.45 -3.01
CA GLU A 101 5.42 -6.75 -4.40
C GLU A 101 6.76 -7.47 -4.53
N ASP A 102 7.77 -7.04 -3.77
CA ASP A 102 9.07 -7.69 -3.81
C ASP A 102 8.99 -9.11 -3.31
N VAL A 103 8.29 -9.33 -2.19
CA VAL A 103 8.13 -10.68 -1.66
C VAL A 103 7.32 -11.54 -2.63
N LEU A 104 6.20 -10.99 -3.12
CA LEU A 104 5.30 -11.78 -3.96
C LEU A 104 5.97 -12.20 -5.26
N HIS A 105 6.77 -11.32 -5.85
CA HIS A 105 7.52 -11.62 -7.07
C HIS A 105 9.00 -11.63 -6.67
N ASP A 106 9.40 -12.73 -6.05
CA ASP A 106 10.64 -12.76 -5.30
C ASP A 106 11.84 -12.49 -6.19
N PRO A 107 12.85 -11.76 -5.71
CA PRO A 107 14.06 -11.52 -6.50
C PRO A 107 14.83 -12.83 -6.69
N LYS A 108 15.02 -13.21 -7.96
CA LYS A 108 15.61 -14.49 -8.31
C LYS A 108 14.83 -15.67 -7.73
N LYS A 109 13.51 -15.48 -7.58
CA LYS A 109 12.61 -16.49 -7.02
C LYS A 109 13.04 -16.91 -5.61
N ALA A 110 13.55 -15.94 -4.85
CA ALA A 110 14.03 -16.20 -3.50
C ALA A 110 13.59 -15.08 -2.58
N GLY A 111 13.25 -15.44 -1.34
CA GLY A 111 12.78 -14.47 -0.37
C GLY A 111 12.03 -15.16 0.75
N VAL A 112 11.07 -14.44 1.31
CA VAL A 112 10.23 -14.97 2.40
C VAL A 112 9.04 -15.67 1.78
N LYS A 113 8.84 -16.95 2.15
CA LYS A 113 7.69 -17.70 1.68
C LYS A 113 6.45 -17.26 2.45
N LEU A 114 5.38 -16.91 1.73
CA LEU A 114 4.13 -16.46 2.33
C LEU A 114 3.07 -17.54 2.14
N ASN A 115 2.79 -18.30 3.19
CA ASN A 115 1.68 -19.24 3.18
C ASN A 115 0.36 -18.48 3.31
N TRP A 116 -0.76 -19.20 3.23
CA TRP A 116 -2.05 -18.52 3.19
C TRP A 116 -2.36 -17.82 4.50
N SER A 117 -2.02 -18.45 5.63
CA SER A 117 -2.27 -17.84 6.94
C SER A 117 -1.64 -16.45 7.03
N THR A 118 -0.44 -16.30 6.48
CA THR A 118 0.23 -15.00 6.51
C THR A 118 -0.38 -14.02 5.51
N ARG A 119 -0.63 -14.47 4.27
CA ARG A 119 -1.26 -13.59 3.29
C ARG A 119 -2.63 -13.12 3.78
N ARG A 120 -3.40 -14.01 4.40
CA ARG A 120 -4.70 -13.61 4.95
C ARG A 120 -4.52 -12.57 6.05
N LYS A 121 -3.49 -12.72 6.88
CA LYS A 121 -3.19 -11.68 7.86
C LYS A 121 -2.81 -10.38 7.17
N ILE A 122 -2.05 -10.47 6.06
CA ILE A 122 -1.67 -9.28 5.32
C ILE A 122 -2.89 -8.57 4.73
N ALA A 123 -3.87 -9.35 4.24
CA ALA A 123 -5.07 -8.76 3.66
C ALA A 123 -5.93 -8.08 4.72
N ILE A 124 -6.02 -8.68 5.91
CA ILE A 124 -6.78 -8.06 6.99
C ILE A 124 -6.09 -6.80 7.49
N GLY A 125 -4.77 -6.84 7.64
CA GLY A 125 -4.06 -5.67 8.14
C GLY A 125 -4.14 -4.51 7.17
N SER A 126 -3.79 -4.76 5.90
CA SER A 126 -3.98 -3.78 4.83
C SER A 126 -5.36 -3.16 4.88
N ALA A 127 -6.39 -4.01 5.01
CA ALA A 127 -7.77 -3.52 5.01
C ALA A 127 -8.04 -2.64 6.23
N ARG A 128 -7.56 -3.06 7.40
CA ARG A 128 -7.75 -2.25 8.61
C ARG A 128 -7.04 -0.89 8.48
N GLY A 129 -5.88 -0.88 7.84
CA GLY A 129 -5.21 0.39 7.60
C GLY A 129 -6.05 1.36 6.79
N LEU A 130 -6.56 0.89 5.65
CA LEU A 130 -7.40 1.74 4.80
C LEU A 130 -8.72 2.12 5.50
N ALA A 131 -9.30 1.18 6.26
CA ALA A 131 -10.54 1.48 6.98
C ALA A 131 -10.34 2.59 7.99
N PHE A 132 -9.18 2.60 8.67
CA PHE A 132 -8.84 3.71 9.56
C PHE A 132 -8.79 5.03 8.80
N LEU A 133 -8.22 5.04 7.59
CA LEU A 133 -8.13 6.26 6.80
C LEU A 133 -9.51 6.74 6.34
N HIS A 134 -10.39 5.79 5.96
CA HIS A 134 -11.68 6.15 5.39
C HIS A 134 -12.73 6.45 6.45
N HIS A 135 -12.65 5.81 7.60
CA HIS A 135 -13.71 5.88 8.59
C HIS A 135 -13.30 6.62 9.86
N ASN A 136 -12.16 6.24 10.46
CA ASN A 136 -11.81 6.80 11.76
C ASN A 136 -11.20 8.20 11.66
N CYS A 137 -10.59 8.53 10.52
CA CYS A 137 -9.97 9.83 10.36
C CYS A 137 -10.98 10.85 9.88
N SER A 138 -11.04 11.99 10.55
CA SER A 138 -11.89 13.10 10.13
C SER A 138 -11.06 14.38 10.11
N PRO A 139 -10.84 14.95 8.91
CA PRO A 139 -11.31 14.50 7.59
C PRO A 139 -10.80 13.13 7.17
N HIS A 140 -11.61 12.40 6.38
CA HIS A 140 -11.17 11.14 5.80
C HIS A 140 -9.94 11.36 4.91
N ILE A 141 -9.17 10.30 4.72
CA ILE A 141 -7.98 10.33 3.89
C ILE A 141 -8.22 9.38 2.74
N ILE A 142 -8.08 9.88 1.51
CA ILE A 142 -8.07 9.06 0.31
C ILE A 142 -6.61 8.84 -0.07
N HIS A 143 -6.18 7.58 -0.12
CA HIS A 143 -4.78 7.29 -0.36
C HIS A 143 -4.39 7.60 -1.81
N ARG A 144 -5.20 7.11 -2.77
CA ARG A 144 -5.14 7.37 -4.22
C ARG A 144 -4.04 6.58 -4.94
N ASP A 145 -3.23 5.78 -4.24
CA ASP A 145 -2.18 5.03 -4.92
C ASP A 145 -1.92 3.71 -4.20
N MET A 146 -2.98 3.06 -3.74
CA MET A 146 -2.87 1.76 -3.11
C MET A 146 -2.42 0.72 -4.13
N LYS A 147 -1.44 -0.10 -3.75
CA LYS A 147 -0.88 -1.13 -4.61
C LYS A 147 0.11 -1.94 -3.78
N SER A 148 0.61 -3.03 -4.36
CA SER A 148 1.38 -3.99 -3.58
C SER A 148 2.75 -3.44 -3.20
N SER A 149 3.36 -2.60 -4.04
CA SER A 149 4.60 -1.95 -3.65
C SER A 149 4.40 -0.98 -2.49
N ASN A 150 3.15 -0.62 -2.20
CA ASN A 150 2.84 0.32 -1.12
C ASN A 150 2.27 -0.38 0.09
N VAL A 151 2.41 -1.70 0.15
CA VAL A 151 2.12 -2.48 1.35
C VAL A 151 3.47 -3.01 1.82
N LEU A 152 3.96 -2.48 2.92
CA LEU A 152 5.24 -2.91 3.47
C LEU A 152 5.01 -3.98 4.52
N LEU A 153 6.05 -4.78 4.77
CA LEU A 153 5.97 -5.91 5.68
C LEU A 153 7.07 -5.77 6.73
N ASP A 154 6.66 -5.69 8.01
CA ASP A 154 7.61 -5.52 9.10
C ASP A 154 8.18 -6.88 9.52
N GLU A 155 8.85 -6.89 10.67
CA GLU A 155 9.54 -8.08 11.16
C GLU A 155 8.57 -9.23 11.42
N ASN A 156 7.33 -8.93 11.75
CA ASN A 156 6.32 -9.94 12.03
C ASN A 156 5.46 -10.28 10.81
N LEU A 157 5.85 -9.82 9.62
CA LEU A 157 5.07 -9.99 8.40
C LEU A 157 3.67 -9.39 8.52
N GLU A 158 3.55 -8.33 9.31
CA GLU A 158 2.33 -7.53 9.37
C GLU A 158 2.36 -6.47 8.27
N ALA A 159 1.20 -6.24 7.67
CA ALA A 159 1.05 -5.28 6.58
C ALA A 159 0.97 -3.86 7.12
N ARG A 160 1.72 -2.95 6.50
CA ARG A 160 1.65 -1.53 6.85
C ARG A 160 1.58 -0.70 5.58
N VAL A 161 0.47 0.03 5.40
CA VAL A 161 0.29 0.80 4.18
C VAL A 161 1.25 1.99 4.17
N SER A 162 1.80 2.28 3.00
CA SER A 162 2.84 3.30 2.87
C SER A 162 2.51 4.21 1.68
N ASP A 163 3.40 5.19 1.45
CA ASP A 163 3.38 6.09 0.31
C ASP A 163 2.09 6.91 0.23
N PHE A 164 2.05 7.99 0.99
CA PHE A 164 0.93 8.92 1.01
C PHE A 164 1.21 10.15 0.16
N GLY A 165 2.20 10.07 -0.74
CA GLY A 165 2.59 11.21 -1.55
C GLY A 165 1.45 11.79 -2.38
N MET A 166 0.39 11.00 -2.61
CA MET A 166 -0.75 11.43 -3.39
C MET A 166 -2.04 11.48 -2.59
N ALA A 167 -1.98 11.18 -1.29
CA ALA A 167 -3.19 11.18 -0.48
C ALA A 167 -3.80 12.57 -0.43
N ARG A 168 -5.10 12.62 -0.18
CA ARG A 168 -5.83 13.87 -0.11
C ARG A 168 -6.86 13.78 1.01
N LEU A 169 -7.11 14.92 1.64
CA LEU A 169 -8.11 15.05 2.69
C LEU A 169 -9.48 15.32 2.08
N MET A 170 -10.50 14.63 2.59
CA MET A 170 -11.88 14.84 2.17
C MET A 170 -12.76 14.97 3.40
N SER A 171 -13.60 16.00 3.43
CA SER A 171 -14.52 16.18 4.53
C SER A 171 -15.48 14.99 4.64
N ALA A 172 -15.86 14.67 5.87
CA ALA A 172 -16.79 13.56 6.07
C ALA A 172 -18.17 13.84 5.50
N MET A 173 -18.54 15.11 5.33
CA MET A 173 -19.81 15.49 4.74
C MET A 173 -19.77 15.52 3.21
N ASP A 174 -18.79 14.84 2.60
CA ASP A 174 -18.67 14.75 1.15
C ASP A 174 -18.52 13.29 0.69
N HIS A 176 -17.31 12.59 -2.59
CA HIS A 176 -16.13 12.56 -3.44
C HIS A 176 -15.30 13.81 -3.30
N LEU A 177 -14.09 13.76 -3.84
CA LEU A 177 -13.21 14.92 -3.89
C LEU A 177 -12.80 15.20 -5.33
N VAL A 179 -10.42 16.66 -8.01
CA VAL A 179 -9.00 16.96 -8.06
C VAL A 179 -8.61 17.60 -9.38
N THR A 181 -5.57 16.46 -11.16
CA THR A 181 -4.83 15.52 -11.97
C THR A 181 -5.33 14.10 -11.75
N LEU A 182 -4.95 13.22 -12.66
CA LEU A 182 -5.22 11.80 -12.53
C LEU A 182 -4.03 11.12 -11.84
N ALA A 183 -4.27 10.56 -10.66
CA ALA A 183 -3.26 9.83 -9.92
C ALA A 183 -3.58 8.35 -9.88
N GLY A 184 -2.53 7.53 -9.79
CA GLY A 184 -2.66 6.09 -9.76
C GLY A 184 -1.58 5.37 -10.55
N THR A 185 -1.60 4.04 -10.54
CA THR A 185 -0.64 3.17 -11.21
C THR A 185 -1.35 2.24 -12.19
N PRO A 186 -0.81 2.04 -13.39
CA PRO A 186 -1.45 1.14 -14.35
C PRO A 186 -1.74 -0.22 -13.75
N GLY A 187 -2.97 -0.71 -13.97
CA GLY A 187 -3.43 -1.94 -13.38
C GLY A 187 -4.15 -1.77 -12.05
N TYR A 188 -4.11 -0.58 -11.46
CA TYR A 188 -4.79 -0.30 -10.21
C TYR A 188 -5.81 0.82 -10.32
N VAL A 189 -5.86 1.55 -11.42
CA VAL A 189 -6.72 2.73 -11.48
C VAL A 189 -8.18 2.29 -11.51
N PRO A 190 -9.05 2.88 -10.69
CA PRO A 190 -10.49 2.62 -10.83
C PRO A 190 -10.97 3.18 -12.16
N PRO A 191 -11.84 2.45 -12.86
CA PRO A 191 -12.25 2.91 -14.20
C PRO A 191 -12.89 4.29 -14.19
N GLU A 192 -13.61 4.65 -13.12
CA GLU A 192 -14.24 5.97 -13.12
C GLU A 192 -13.22 7.09 -12.93
N TYR A 193 -11.99 6.78 -12.53
CA TYR A 193 -10.95 7.81 -12.47
C TYR A 193 -10.49 8.25 -13.85
N TYR A 194 -10.70 7.43 -14.87
CA TYR A 194 -10.38 7.80 -16.25
C TYR A 194 -11.42 8.72 -16.87
N GLN A 195 -12.56 8.92 -16.22
CA GLN A 195 -13.65 9.65 -16.84
C GLN A 195 -13.97 10.95 -16.12
N PHE A 197 -12.29 13.87 -13.08
CA PHE A 197 -11.23 14.34 -12.19
C PHE A 197 -11.70 14.29 -10.75
N ARG A 198 -12.15 13.13 -10.31
CA ARG A 198 -12.70 12.96 -8.98
C ARG A 198 -12.13 11.68 -8.36
N CYS A 199 -11.94 11.72 -7.05
CA CYS A 199 -11.46 10.56 -6.31
C CYS A 199 -12.38 10.37 -5.10
N SER A 200 -12.29 9.18 -4.50
CA SER A 200 -13.18 8.81 -3.41
C SER A 200 -12.58 7.63 -2.65
N THR A 201 -13.14 7.35 -1.48
CA THR A 201 -12.72 6.16 -0.75
C THR A 201 -13.07 4.88 -1.51
N LYS A 202 -14.18 4.89 -2.28
CA LYS A 202 -14.51 3.75 -3.12
C LYS A 202 -13.44 3.50 -4.19
N GLY A 203 -12.68 4.52 -4.56
CA GLY A 203 -11.54 4.31 -5.45
C GLY A 203 -10.42 3.53 -4.79
N ASP A 204 -10.05 3.93 -3.56
CA ASP A 204 -9.11 3.13 -2.77
C ASP A 204 -9.59 1.69 -2.64
N VAL A 205 -10.90 1.50 -2.48
CA VAL A 205 -11.43 0.14 -2.33
C VAL A 205 -11.15 -0.68 -3.58
N TYR A 206 -11.38 -0.09 -4.76
CA TYR A 206 -11.04 -0.77 -6.00
C TYR A 206 -9.57 -1.19 -5.99
N SER A 207 -8.68 -0.25 -5.72
CA SER A 207 -7.25 -0.55 -5.76
C SER A 207 -6.87 -1.58 -4.71
N TYR A 208 -7.50 -1.53 -3.54
CA TYR A 208 -7.30 -2.59 -2.56
C TYR A 208 -7.71 -3.94 -3.13
N GLY A 209 -8.78 -3.97 -3.91
CA GLY A 209 -9.20 -5.22 -4.54
C GLY A 209 -8.13 -5.85 -5.38
N VAL A 210 -7.46 -5.05 -6.22
CA VAL A 210 -6.33 -5.55 -7.01
C VAL A 210 -5.29 -6.19 -6.11
N VAL A 211 -4.99 -5.57 -4.96
CA VAL A 211 -3.96 -6.10 -4.08
C VAL A 211 -4.38 -7.46 -3.54
N LEU A 212 -5.62 -7.57 -3.07
CA LEU A 212 -6.11 -8.85 -2.59
C LEU A 212 -6.06 -9.92 -3.68
N LEU A 213 -6.21 -9.53 -4.95
CA LEU A 213 -6.05 -10.47 -6.05
C LEU A 213 -4.60 -10.93 -6.18
N GLU A 214 -3.65 -10.04 -5.93
CA GLU A 214 -2.26 -10.43 -5.98
C GLU A 214 -1.94 -11.45 -4.89
N LEU A 215 -2.56 -11.30 -3.71
CA LEU A 215 -2.38 -12.29 -2.66
C LEU A 215 -3.02 -13.63 -3.02
N LEU A 216 -4.09 -13.61 -3.81
CA LEU A 216 -4.81 -14.84 -4.14
C LEU A 216 -4.21 -15.56 -5.35
N THR A 217 -3.83 -14.81 -6.39
CA THR A 217 -3.31 -15.41 -7.62
C THR A 217 -1.80 -15.50 -7.64
N GLY A 218 -1.10 -14.54 -7.02
CA GLY A 218 0.33 -14.47 -7.07
C GLY A 218 0.90 -13.80 -8.30
N LYS A 219 0.04 -13.25 -9.15
CA LYS A 219 0.45 -12.65 -10.42
C LYS A 219 0.42 -11.13 -10.32
N ARG A 220 1.11 -10.48 -11.26
CA ARG A 220 1.14 -9.03 -11.32
C ARG A 220 -0.12 -8.50 -12.02
N PRO A 221 -0.57 -7.30 -11.65
CA PRO A 221 -1.80 -6.76 -12.28
C PRO A 221 -1.65 -6.45 -13.76
N THR A 222 -0.43 -6.31 -14.26
CA THR A 222 -0.22 -5.98 -15.66
C THR A 222 0.37 -7.16 -16.42
N ASN A 231 -5.90 -7.17 -18.75
CA ASN A 231 -5.20 -7.06 -17.47
C ASN A 231 -5.58 -8.22 -16.53
N LEU A 232 -4.94 -8.27 -15.36
CA LEU A 232 -5.20 -9.34 -14.41
C LEU A 232 -6.63 -9.31 -13.92
N VAL A 233 -7.16 -8.10 -13.69
CA VAL A 233 -8.52 -7.96 -13.17
C VAL A 233 -9.53 -8.60 -14.13
N GLY A 234 -9.42 -8.27 -15.43
CA GLY A 234 -10.32 -8.85 -16.40
C GLY A 234 -10.12 -10.34 -16.58
N TRP A 235 -8.87 -10.81 -16.51
CA TRP A 235 -8.61 -12.23 -16.68
C TRP A 235 -9.25 -13.05 -15.57
N VAL A 236 -9.24 -12.54 -14.34
CA VAL A 236 -9.90 -13.25 -13.26
C VAL A 236 -11.41 -13.20 -13.44
N LYS A 237 -11.94 -12.06 -13.90
CA LYS A 237 -13.38 -11.95 -14.12
C LYS A 237 -13.87 -12.90 -15.19
N GLN A 238 -13.04 -13.20 -16.19
CA GLN A 238 -13.43 -14.11 -17.25
C GLN A 238 -13.41 -15.57 -16.78
N HIS A 239 -12.35 -15.97 -16.11
CA HIS A 239 -12.26 -17.33 -15.57
C HIS A 239 -13.14 -17.52 -14.33
N ALA A 240 -13.72 -16.45 -13.78
CA ALA A 240 -14.63 -16.59 -12.65
C ALA A 240 -15.95 -17.24 -13.07
N LYS A 241 -16.37 -17.03 -14.31
CA LYS A 241 -17.54 -17.71 -14.84
C LYS A 241 -17.24 -19.10 -15.39
N LEU A 242 -15.97 -19.49 -15.45
CA LEU A 242 -15.59 -20.83 -15.91
C LEU A 242 -15.12 -21.71 -14.77
N ARG A 243 -13.80 -21.90 -14.67
CA ARG A 243 -13.18 -22.76 -13.66
C ARG A 243 -12.35 -21.86 -12.76
N ILE A 244 -12.90 -21.50 -11.60
CA ILE A 244 -12.27 -20.58 -10.66
C ILE A 244 -11.21 -21.35 -9.87
N SER A 245 -11.14 -22.66 -10.09
CA SER A 245 -10.08 -23.47 -9.49
C SER A 245 -8.74 -23.28 -10.19
N ASP A 246 -8.71 -22.63 -11.35
CA ASP A 246 -7.49 -22.47 -12.13
C ASP A 246 -6.95 -21.04 -12.09
N VAL A 247 -7.27 -20.29 -11.04
CA VAL A 247 -6.79 -18.91 -10.91
C VAL A 247 -5.98 -18.68 -9.64
N PHE A 248 -6.18 -19.46 -8.58
CA PHE A 248 -5.48 -19.22 -7.33
C PHE A 248 -3.99 -19.55 -7.47
N ASP A 249 -3.21 -19.02 -6.54
CA ASP A 249 -1.78 -19.28 -6.47
C ASP A 249 -1.54 -20.78 -6.28
N PRO A 250 -0.79 -21.43 -7.17
CA PRO A 250 -0.55 -22.88 -7.01
C PRO A 250 0.11 -23.25 -5.69
N GLU A 251 0.97 -22.38 -5.16
CA GLU A 251 1.61 -22.68 -3.88
C GLU A 251 0.62 -22.70 -2.72
N LEU A 252 -0.52 -22.02 -2.86
CA LEU A 252 -1.54 -22.06 -1.81
C LEU A 252 -2.31 -23.38 -1.83
N MET A 253 -2.52 -23.98 -3.01
CA MET A 253 -3.20 -25.26 -3.07
C MET A 253 -2.31 -26.41 -2.62
N LYS A 254 -0.99 -26.25 -2.66
CA LYS A 254 -0.10 -27.26 -2.08
C LYS A 254 -0.26 -27.33 -0.57
N GLU A 255 -0.49 -26.18 0.08
CA GLU A 255 -0.64 -26.14 1.52
C GLU A 255 -1.79 -27.03 1.98
N ASP A 256 -2.96 -26.83 1.39
CA ASP A 256 -4.15 -27.58 1.75
C ASP A 256 -5.24 -27.28 0.72
N PRO A 257 -5.73 -28.29 0.01
CA PRO A 257 -6.90 -28.07 -0.86
C PRO A 257 -8.20 -27.91 -0.10
N ALA A 258 -8.20 -28.03 1.22
CA ALA A 258 -9.42 -27.81 2.00
C ALA A 258 -9.74 -26.33 2.20
N LEU A 259 -8.76 -25.45 2.08
CA LEU A 259 -9.01 -24.01 2.19
C LEU A 259 -9.40 -23.39 0.86
N GLU A 260 -9.59 -24.19 -0.19
CA GLU A 260 -10.06 -23.63 -1.46
C GLU A 260 -11.42 -22.97 -1.29
N ILE A 261 -12.26 -23.46 -0.37
CA ILE A 261 -13.53 -22.81 -0.11
C ILE A 261 -13.32 -21.46 0.56
N GLU A 262 -12.34 -21.38 1.48
CA GLU A 262 -12.04 -20.11 2.11
C GLU A 262 -11.46 -19.11 1.11
N LEU A 263 -10.61 -19.59 0.20
CA LEU A 263 -10.04 -18.72 -0.83
C LEU A 263 -11.12 -18.12 -1.71
N LEU A 264 -12.09 -18.94 -2.12
CA LEU A 264 -13.18 -18.44 -2.97
C LEU A 264 -13.98 -17.34 -2.28
N GLN A 265 -14.19 -17.47 -0.97
CA GLN A 265 -14.90 -16.43 -0.23
C GLN A 265 -14.09 -15.15 -0.20
N HIS A 266 -12.77 -15.24 -0.07
CA HIS A 266 -11.92 -14.05 -0.17
C HIS A 266 -11.90 -13.52 -1.59
N LEU A 267 -11.99 -14.41 -2.59
CA LEU A 267 -12.08 -13.99 -3.98
C LEU A 267 -13.35 -13.18 -4.22
N LYS A 268 -14.47 -13.58 -3.60
CA LYS A 268 -15.71 -12.82 -3.78
C LYS A 268 -15.56 -11.41 -3.20
N VAL A 269 -14.91 -11.29 -2.05
CA VAL A 269 -14.61 -9.98 -1.51
C VAL A 269 -13.83 -9.15 -2.53
N ALA A 270 -12.81 -9.74 -3.13
CA ALA A 270 -11.99 -9.04 -4.12
C ALA A 270 -12.83 -8.60 -5.32
N VAL A 271 -13.70 -9.49 -5.81
CA VAL A 271 -14.54 -9.17 -6.97
C VAL A 271 -15.47 -8.00 -6.65
N ALA A 272 -16.08 -8.01 -5.46
CA ALA A 272 -16.94 -6.89 -5.08
C ALA A 272 -16.16 -5.58 -5.01
N CYS A 273 -14.91 -5.62 -4.52
CA CYS A 273 -14.10 -4.40 -4.51
C CYS A 273 -13.82 -3.90 -5.92
N LEU A 274 -13.76 -4.80 -6.90
CA LEU A 274 -13.35 -4.48 -8.26
C LEU A 274 -14.54 -4.18 -9.19
N ASP A 275 -15.73 -3.99 -8.63
CA ASP A 275 -16.89 -3.65 -9.44
C ASP A 275 -16.68 -2.32 -10.15
N ASP A 276 -17.04 -2.28 -11.45
CA ASP A 276 -16.91 -1.04 -12.22
C ASP A 276 -17.73 0.10 -11.63
N ARG A 277 -18.80 -0.20 -10.88
CA ARG A 277 -19.63 0.81 -10.26
C ARG A 277 -19.14 1.06 -8.83
N ALA A 278 -18.84 2.33 -8.54
CA ALA A 278 -18.32 2.68 -7.21
C ALA A 278 -19.36 2.52 -6.12
N TRP A 279 -20.64 2.70 -6.46
CA TRP A 279 -21.68 2.62 -5.44
C TRP A 279 -21.93 1.19 -5.00
N ARG A 280 -21.47 0.21 -5.77
CA ARG A 280 -21.70 -1.21 -5.51
C ARG A 280 -20.55 -1.85 -4.75
N ARG A 281 -19.38 -1.21 -4.75
CA ARG A 281 -18.25 -1.71 -3.98
C ARG A 281 -18.55 -1.62 -2.48
N PRO A 282 -18.01 -2.54 -1.70
CA PRO A 282 -18.06 -2.40 -0.24
C PRO A 282 -17.20 -1.25 0.23
N THR A 283 -17.53 -0.76 1.43
CA THR A 283 -16.56 0.04 2.15
C THR A 283 -15.53 -0.86 2.81
N MET A 284 -14.39 -0.28 3.19
CA MET A 284 -13.38 -1.08 3.86
C MET A 284 -13.87 -1.55 5.24
N VAL A 285 -14.84 -0.87 5.83
CA VAL A 285 -15.45 -1.38 7.05
C VAL A 285 -16.25 -2.64 6.75
N GLN A 286 -16.99 -2.65 5.63
CA GLN A 286 -17.68 -3.88 5.24
C GLN A 286 -16.68 -4.99 4.90
N VAL A 287 -15.58 -4.64 4.20
CA VAL A 287 -14.55 -5.63 3.89
C VAL A 287 -14.04 -6.29 5.16
N MET A 288 -13.71 -5.48 6.18
CA MET A 288 -13.24 -6.05 7.45
C MET A 288 -14.27 -7.00 8.05
N ALA A 289 -15.52 -6.53 8.19
CA ALA A 289 -16.60 -7.38 8.68
C ALA A 289 -16.70 -8.68 7.86
N MET A 290 -16.57 -8.58 6.53
CA MET A 290 -16.69 -9.79 5.71
C MET A 290 -15.55 -10.77 6.01
N PHE A 291 -14.32 -10.28 6.15
CA PHE A 291 -13.19 -11.13 6.52
C PHE A 291 -13.45 -11.83 7.85
N LYS A 292 -14.10 -11.14 8.79
CA LYS A 292 -14.37 -11.73 10.10
C LYS A 292 -15.40 -12.84 10.00
N GLU A 293 -16.47 -12.65 9.21
CA GLU A 293 -17.49 -13.68 9.08
C GLU A 293 -16.94 -14.96 8.46
N ILE A 294 -15.87 -14.87 7.67
CA ILE A 294 -15.31 -16.06 7.03
C ILE A 294 -14.66 -16.96 8.07
N GLN A 295 -14.00 -16.37 9.07
CA GLN A 295 -13.36 -17.16 10.12
C GLN A 295 -14.34 -17.64 11.19
N ALA A 296 -15.46 -16.95 11.39
CA ALA A 296 -16.47 -17.38 12.34
C ALA A 296 -17.24 -18.59 11.81
#